data_5LZG
#
_entry.id   5LZG
#
_cell.length_a   101.880
_cell.length_b   66.291
_cell.length_c   77.407
_cell.angle_alpha   90.00
_cell.angle_beta   105.74
_cell.angle_gamma   90.00
#
_symmetry.space_group_name_H-M   'C 1 2 1'
#
loop_
_entity.id
_entity.type
_entity.pdbx_description
1 polymer 'Cholera enterotoxin subunit B'
2 non-polymer '(2~{R},4~{S},5~{R},6~{R})-5-acetamido-2-[4-[3-[2-[(2~{S},3~{R},4~{R},5~{R},6~{R})-6-(hydroxymethyl)-3,4,5-tris(oxidanyl)oxan-2-yl]ethylamino]-3-oxidanylidene-propyl]-1,2,3-triazol-1-yl]-4-oxidanyl-6-[(1~{R},2~{R})-1,2,3-tris(oxidanyl)propyl]oxane-2-carboxylic acid'
3 non-polymer 2-AMINO-2-HYDROXYMETHYL-PROPANE-1,3-DIOL
4 non-polymer IMIDAZOLE
5 non-polymer DI(HYDROXYETHYL)ETHER
6 non-polymer (4R)-2-METHYLPENTANE-2,4-DIOL
7 water water
#
_entity_poly.entity_id   1
_entity_poly.type   'polypeptide(L)'
_entity_poly.pdbx_seq_one_letter_code
;TPQNITDLCAEYHNTQIYTLNDKIFSYTESLAGKREMAIITFKNGAIFQVEVPGSQHIDSQKKAIERMKDTLRIAYLTEA
KVEKLCVWNNKTPHAIAAISMAN
;
_entity_poly.pdbx_strand_id   A,B,C,D,E
#
loop_
_chem_comp.id
_chem_comp.type
_chem_comp.name
_chem_comp.formula
7BN non-polymer '(2~{R},4~{S},5~{R},6~{R})-5-acetamido-2-[4-[3-[2-[(2~{S},3~{R},4~{R},5~{R},6~{R})-6-(hydroxymethyl)-3,4,5-tris(oxidanyl)oxan-2-yl]ethylamino]-3-oxidanylidene-propyl]-1,2,3-triazol-1-yl]-4-oxidanyl-6-[(1~{R},2~{R})-1,2,3-tris(oxidanyl)propyl]oxane-2-carboxylic acid' 'C24 H39 N5 O14'
IMD non-polymer IMIDAZOLE 'C3 H5 N2 1'
MRD non-polymer (4R)-2-METHYLPENTANE-2,4-DIOL 'C6 H14 O2'
PEG non-polymer DI(HYDROXYETHYL)ETHER 'C4 H10 O3'
TRS non-polymer 2-AMINO-2-HYDROXYMETHYL-PROPANE-1,3-DIOL 'C4 H12 N O3 1'
#
# COMPACT_ATOMS: atom_id res chain seq x y z
N THR A 1 -13.57 15.06 21.13
CA THR A 1 -12.39 14.43 20.49
C THR A 1 -11.05 14.91 21.07
N PRO A 2 -10.16 13.94 21.34
CA PRO A 2 -8.88 14.31 21.89
C PRO A 2 -7.95 14.97 20.89
N GLN A 3 -6.95 15.67 21.41
CA GLN A 3 -5.97 16.34 20.57
C GLN A 3 -4.59 15.72 20.52
N ASN A 4 -4.38 14.68 21.31
CA ASN A 4 -3.08 13.98 21.36
C ASN A 4 -3.31 12.60 21.90
N ILE A 5 -2.29 11.75 21.72
CA ILE A 5 -2.36 10.34 22.09
C ILE A 5 -2.57 10.11 23.59
N THR A 6 -2.07 11.00 24.45
CA THR A 6 -2.17 10.81 25.92
C THR A 6 -3.61 11.04 26.31
N ASP A 7 -4.22 12.08 25.77
CA ASP A 7 -5.60 12.37 26.07
C ASP A 7 -6.55 11.33 25.49
N LEU A 8 -6.22 10.83 24.28
CA LEU A 8 -7.00 9.78 23.69
C LEU A 8 -6.93 8.52 24.54
N CYS A 9 -5.71 8.21 24.95
CA CYS A 9 -5.49 7.03 25.78
C CYS A 9 -6.30 7.07 27.05
N ALA A 10 -6.44 8.26 27.62
CA ALA A 10 -7.19 8.42 28.89
C ALA A 10 -8.70 8.24 28.72
N GLU A 11 -9.22 8.15 27.48
CA GLU A 11 -10.64 7.90 27.24
C GLU A 11 -11.02 6.45 27.34
N TYR A 12 -10.11 5.56 27.76
CA TYR A 12 -10.36 4.12 27.84
C TYR A 12 -9.90 3.56 29.16
N HIS A 13 -10.60 2.55 29.63
CA HIS A 13 -10.10 1.78 30.76
C HIS A 13 -9.02 0.83 30.32
N ASN A 14 -8.17 0.49 31.28
CA ASN A 14 -7.12 -0.54 31.15
C ASN A 14 -6.13 -0.17 30.10
N THR A 15 -5.80 1.10 30.00
CA THR A 15 -4.75 1.58 29.14
C THR A 15 -3.68 2.30 29.86
N GLN A 16 -2.56 2.42 29.18
CA GLN A 16 -1.49 3.20 29.64
C GLN A 16 -0.60 3.61 28.50
N ILE A 17 0.06 4.75 28.71
CA ILE A 17 1.04 5.29 27.80
C ILE A 17 2.44 4.69 28.12
N TYR A 18 3.10 4.14 27.09
CA TYR A 18 4.51 3.85 27.14
C TYR A 18 5.18 4.87 26.27
N THR A 19 6.25 5.46 26.74
CA THR A 19 7.05 6.44 26.03
C THR A 19 8.29 5.72 25.57
N LEU A 20 8.48 5.60 24.27
CA LEU A 20 9.62 4.90 23.74
C LEU A 20 10.70 5.82 23.26
N ASN A 21 10.32 6.81 22.44
CA ASN A 21 11.32 7.65 21.76
C ASN A 21 12.47 6.87 21.15
N ASP A 22 12.08 5.84 20.38
CA ASP A 22 13.00 4.93 19.76
C ASP A 22 12.38 4.27 18.57
N LYS A 23 13.22 3.79 17.65
CA LYS A 23 12.75 2.98 16.54
C LYS A 23 12.37 1.59 17.02
N ILE A 24 11.58 0.88 16.23
CA ILE A 24 11.23 -0.50 16.50
C ILE A 24 12.39 -1.42 16.25
N PHE A 25 12.65 -2.31 17.23
CA PHE A 25 13.77 -3.25 17.15
C PHE A 25 13.45 -4.45 16.26
N SER A 26 12.28 -5.01 16.43
CA SER A 26 11.87 -6.17 15.58
C SER A 26 10.42 -6.12 15.27
N TYR A 27 10.07 -6.69 14.09
CA TYR A 27 8.69 -6.73 13.66
C TYR A 27 8.40 -8.17 13.27
N THR A 28 7.32 -8.72 13.80
CA THR A 28 6.89 -10.07 13.56
C THR A 28 5.43 -10.08 13.11
N GLU A 29 5.08 -10.89 12.10
CA GLU A 29 3.67 -11.08 11.79
CA GLU A 29 3.76 -11.00 11.61
C GLU A 29 3.42 -12.49 11.36
N SER A 30 2.21 -12.90 11.62
CA SER A 30 1.72 -14.27 11.43
C SER A 30 0.43 -14.33 10.66
N LEU A 31 0.33 -15.29 9.73
CA LEU A 31 -0.89 -15.67 9.04
C LEU A 31 -1.52 -16.95 9.54
N ALA A 32 -0.86 -17.58 10.55
CA ALA A 32 -1.38 -18.84 11.07
C ALA A 32 -2.76 -18.64 11.70
N GLY A 33 -3.66 -19.60 11.47
CA GLY A 33 -5.02 -19.46 11.91
C GLY A 33 -5.18 -19.29 13.40
N LYS A 34 -5.97 -18.32 13.82
CA LYS A 34 -6.15 -17.94 15.25
C LYS A 34 -5.02 -17.12 15.82
N ARG A 35 -3.97 -16.90 15.02
CA ARG A 35 -2.84 -16.05 15.40
C ARG A 35 -2.47 -15.07 14.32
N GLU A 36 -3.49 -14.44 13.71
CA GLU A 36 -3.29 -13.44 12.67
C GLU A 36 -3.04 -12.09 13.35
N MET A 37 -1.77 -11.86 13.68
CA MET A 37 -1.32 -10.86 14.61
C MET A 37 0.05 -10.30 14.23
N ALA A 38 0.41 -9.16 14.82
CA ALA A 38 1.70 -8.64 14.68
C ALA A 38 2.28 -8.47 16.09
N ILE A 39 3.61 -8.58 16.20
CA ILE A 39 4.30 -8.33 17.44
C ILE A 39 5.45 -7.44 17.13
N ILE A 40 5.64 -6.36 17.90
CA ILE A 40 6.82 -5.55 17.78
C ILE A 40 7.57 -5.52 19.16
N THR A 41 8.86 -5.32 19.09
CA THR A 41 9.69 -5.14 20.24
C THR A 41 10.60 -3.96 20.08
N PHE A 42 11.07 -3.46 21.23
CA PHE A 42 12.04 -2.38 21.30
C PHE A 42 13.31 -2.87 22.01
N LYS A 43 14.41 -2.19 21.78
CA LYS A 43 15.69 -2.63 22.35
C LYS A 43 15.73 -2.65 23.84
N ASN A 44 14.85 -1.91 24.47
CA ASN A 44 14.70 -1.97 25.93
C ASN A 44 13.99 -3.24 26.44
N GLY A 45 13.64 -4.17 25.56
CA GLY A 45 12.92 -5.37 25.94
C GLY A 45 11.42 -5.34 25.84
N ALA A 46 10.84 -4.16 25.56
CA ALA A 46 9.39 -4.05 25.61
C ALA A 46 8.81 -4.76 24.38
N ILE A 47 7.73 -5.48 24.61
CA ILE A 47 7.04 -6.30 23.59
C ILE A 47 5.59 -5.87 23.54
N PHE A 48 5.06 -5.63 22.33
CA PHE A 48 3.66 -5.25 22.17
C PHE A 48 3.05 -6.00 21.02
N GLN A 49 1.75 -6.28 21.10
CA GLN A 49 1.01 -6.93 19.99
C GLN A 49 -0.03 -6.04 19.36
N VAL A 50 -0.36 -6.31 18.08
CA VAL A 50 -1.63 -5.88 17.56
C VAL A 50 -2.46 -7.12 17.64
N GLU A 51 -3.53 -7.05 18.42
CA GLU A 51 -4.34 -8.24 18.67
C GLU A 51 -4.95 -8.86 17.42
N VAL A 52 -5.18 -10.17 17.48
CA VAL A 52 -6.03 -10.86 16.55
C VAL A 52 -7.43 -10.20 16.60
N PRO A 53 -8.05 -9.89 15.43
CA PRO A 53 -9.40 -9.37 15.49
C PRO A 53 -10.32 -10.36 16.24
N GLY A 54 -11.14 -9.83 17.14
CA GLY A 54 -11.97 -10.65 17.97
C GLY A 54 -13.25 -10.02 18.41
N SER A 55 -13.92 -10.77 19.28
CA SER A 55 -15.26 -10.44 19.74
C SER A 55 -15.35 -9.10 20.44
N GLN A 56 -14.27 -8.71 21.09
CA GLN A 56 -14.21 -7.47 21.81
C GLN A 56 -14.17 -6.25 20.92
N HIS A 57 -13.74 -6.44 19.65
CA HIS A 57 -13.65 -5.34 18.70
C HIS A 57 -14.99 -5.01 18.06
N ILE A 58 -15.27 -3.72 17.92
CA ILE A 58 -16.50 -3.30 17.22
C ILE A 58 -16.15 -3.16 15.73
N ASP A 59 -17.18 -3.20 14.89
CA ASP A 59 -16.92 -3.35 13.44
C ASP A 59 -15.97 -2.29 12.87
N SER A 60 -16.12 -1.05 13.33
CA SER A 60 -15.30 0.07 12.89
C SER A 60 -13.81 -0.08 13.18
N GLN A 61 -13.48 -0.97 14.12
CA GLN A 61 -12.08 -1.25 14.41
C GLN A 61 -11.38 -2.14 13.41
N LYS A 62 -12.11 -2.89 12.60
CA LYS A 62 -11.49 -3.90 11.74
C LYS A 62 -10.50 -3.27 10.77
N LYS A 63 -10.95 -2.24 10.06
CA LYS A 63 -10.05 -1.52 9.14
C LYS A 63 -8.87 -0.86 9.85
N ALA A 64 -9.10 -0.33 11.05
CA ALA A 64 -8.06 0.39 11.78
C ALA A 64 -7.00 -0.61 12.30
N ILE A 65 -7.41 -1.80 12.64
CA ILE A 65 -6.46 -2.86 13.03
C ILE A 65 -5.59 -3.20 11.83
N GLU A 66 -6.18 -3.30 10.64
CA GLU A 66 -5.31 -3.56 9.45
C GLU A 66 -4.40 -2.42 9.21
N ARG A 67 -4.90 -1.19 9.30
CA ARG A 67 -4.04 -0.06 9.10
CA ARG A 67 -4.04 0.00 9.09
C ARG A 67 -2.88 -0.02 10.08
N MET A 68 -3.15 -0.36 11.35
CA MET A 68 -2.08 -0.30 12.37
C MET A 68 -0.90 -1.27 12.06
N LYS A 69 -1.23 -2.45 11.54
CA LYS A 69 -0.20 -3.36 11.12
C LYS A 69 0.58 -2.80 9.95
N ASP A 70 -0.13 -2.14 9.00
CA ASP A 70 0.56 -1.46 7.89
C ASP A 70 1.52 -0.40 8.44
N THR A 71 1.05 0.41 9.40
CA THR A 71 1.82 1.45 9.99
C THR A 71 3.07 0.90 10.72
N LEU A 72 2.90 -0.18 11.46
CA LEU A 72 4.03 -0.71 12.22
C LEU A 72 5.10 -1.27 11.27
N ARG A 73 4.63 -1.93 10.20
CA ARG A 73 5.60 -2.51 9.25
C ARG A 73 6.44 -1.41 8.63
N ILE A 74 5.76 -0.37 8.10
CA ILE A 74 6.53 0.69 7.44
C ILE A 74 7.37 1.53 8.42
N ALA A 75 6.85 1.72 9.64
CA ALA A 75 7.66 2.35 10.69
C ALA A 75 8.91 1.56 10.95
N TYR A 76 8.75 0.24 11.04
CA TYR A 76 9.92 -0.59 11.26
C TYR A 76 10.95 -0.44 10.14
N LEU A 77 10.47 -0.56 8.89
CA LEU A 77 11.37 -0.57 7.72
C LEU A 77 12.03 0.74 7.45
N THR A 78 11.42 1.83 7.86
CA THR A 78 12.00 3.16 7.68
C THR A 78 12.72 3.65 8.96
N GLU A 79 12.75 2.83 10.01
CA GLU A 79 13.42 3.18 11.28
CA GLU A 79 13.44 3.19 11.27
C GLU A 79 12.87 4.47 11.84
N ALA A 80 11.57 4.64 11.67
CA ALA A 80 10.92 5.81 12.23
C ALA A 80 10.90 5.77 13.77
N LYS A 81 11.20 6.92 14.39
CA LYS A 81 11.13 7.02 15.85
CA LYS A 81 11.14 6.98 15.84
C LYS A 81 9.68 6.93 16.32
N VAL A 82 9.37 6.01 17.22
CA VAL A 82 8.07 5.88 17.84
C VAL A 82 8.14 6.75 19.12
N GLU A 83 7.23 7.71 19.25
CA GLU A 83 7.19 8.57 20.44
C GLU A 83 6.54 7.80 21.53
N LYS A 84 5.26 7.56 21.43
CA LYS A 84 4.47 6.88 22.39
C LYS A 84 3.61 5.80 21.80
N LEU A 85 3.29 4.80 22.60
CA LEU A 85 2.21 3.85 22.39
C LEU A 85 1.17 3.96 23.48
N CYS A 86 -0.11 3.97 23.13
CA CYS A 86 -1.20 3.77 24.09
C CYS A 86 -1.51 2.29 23.95
N VAL A 87 -1.46 1.55 25.04
CA VAL A 87 -1.65 0.12 25.02
C VAL A 87 -2.68 -0.32 26.02
N TRP A 88 -3.41 -1.40 25.78
CA TRP A 88 -4.21 -2.03 26.81
C TRP A 88 -3.29 -2.96 27.61
N ASN A 89 -3.37 -2.80 28.93
CA ASN A 89 -2.51 -3.51 29.84
C ASN A 89 -3.19 -4.69 30.50
N ASN A 90 -4.33 -5.10 29.98
CA ASN A 90 -5.01 -6.27 30.43
C ASN A 90 -4.87 -7.42 29.46
N LYS A 91 -3.83 -7.36 28.64
CA LYS A 91 -3.48 -8.42 27.64
C LYS A 91 -1.97 -8.61 27.72
N THR A 92 -1.52 -9.79 27.37
CA THR A 92 -0.12 -10.09 27.29
C THR A 92 0.21 -10.72 25.95
N PRO A 93 1.17 -10.19 25.17
CA PRO A 93 1.77 -8.83 25.30
C PRO A 93 0.72 -7.69 25.42
N HIS A 94 1.11 -6.57 26.03
CA HIS A 94 0.19 -5.43 25.98
C HIS A 94 -0.20 -5.12 24.52
N ALA A 95 -1.45 -4.66 24.33
CA ALA A 95 -2.05 -4.59 22.98
C ALA A 95 -2.13 -3.13 22.55
N ILE A 96 -1.65 -2.87 21.35
CA ILE A 96 -1.57 -1.52 20.89
C ILE A 96 -2.98 -0.96 20.53
N ALA A 97 -3.27 0.22 21.11
CA ALA A 97 -4.44 1.04 20.83
C ALA A 97 -4.12 2.21 19.91
N ALA A 98 -2.96 2.83 20.08
CA ALA A 98 -2.56 3.96 19.34
C ALA A 98 -1.10 4.15 19.30
N ILE A 99 -0.60 4.87 18.30
CA ILE A 99 0.82 5.18 18.14
C ILE A 99 1.04 6.62 17.80
N SER A 100 2.05 7.27 18.34
CA SER A 100 2.52 8.56 17.88
C SER A 100 3.94 8.48 17.42
N MET A 101 4.26 9.16 16.32
CA MET A 101 5.59 9.27 15.79
C MET A 101 5.96 10.72 15.74
N ALA A 102 7.18 11.03 16.14
CA ALA A 102 7.74 12.40 16.06
C ALA A 102 9.29 12.18 16.01
N ASN A 103 10.04 12.99 15.22
CA ASN A 103 11.57 13.02 15.09
C ASN A 103 12.38 12.92 16.38
N THR B 1 -16.04 21.98 -11.66
CA THR B 1 -15.02 21.34 -10.81
C THR B 1 -13.90 22.33 -10.46
N PRO B 2 -13.50 22.41 -9.19
CA PRO B 2 -12.41 23.29 -8.79
C PRO B 2 -11.10 22.82 -9.31
N GLN B 3 -10.16 23.74 -9.46
CA GLN B 3 -8.85 23.44 -10.01
C GLN B 3 -7.72 23.50 -9.02
N ASN B 4 -8.04 23.86 -7.77
CA ASN B 4 -7.05 23.95 -6.70
C ASN B 4 -7.73 23.82 -5.35
N ILE B 5 -6.93 23.54 -4.32
CA ILE B 5 -7.45 23.32 -2.98
C ILE B 5 -8.25 24.50 -2.40
N THR B 6 -7.83 25.71 -2.73
CA THR B 6 -8.50 26.93 -2.18
C THR B 6 -9.89 27.02 -2.71
N ASP B 7 -10.08 26.84 -4.01
CA ASP B 7 -11.40 26.97 -4.61
C ASP B 7 -12.25 25.80 -4.19
N LEU B 8 -11.67 24.59 -4.09
CA LEU B 8 -12.41 23.43 -3.55
C LEU B 8 -12.91 23.70 -2.14
N CYS B 9 -12.04 24.23 -1.31
CA CYS B 9 -12.39 24.47 0.08
C CYS B 9 -13.57 25.40 0.21
N ALA B 10 -13.58 26.41 -0.66
CA ALA B 10 -14.64 27.43 -0.59
C ALA B 10 -16.02 26.91 -1.08
N GLU B 11 -16.11 25.67 -1.61
CA GLU B 11 -17.37 25.03 -1.93
C GLU B 11 -18.14 24.43 -0.77
N TYR B 12 -17.68 24.64 0.48
CA TYR B 12 -18.29 24.04 1.62
C TYR B 12 -18.46 25.09 2.71
N HIS B 13 -19.50 24.92 3.52
CA HIS B 13 -19.66 25.68 4.77
C HIS B 13 -18.70 25.22 5.80
N ASN B 14 -18.35 26.14 6.68
CA ASN B 14 -17.56 25.85 7.89
C ASN B 14 -16.19 25.29 7.56
N THR B 15 -15.54 25.84 6.54
CA THR B 15 -14.20 25.42 6.19
C THR B 15 -13.36 26.61 6.08
N GLN B 16 -12.07 26.40 6.21
CA GLN B 16 -11.07 27.40 5.89
C GLN B 16 -9.76 26.76 5.47
N ILE B 17 -8.90 27.55 4.83
CA ILE B 17 -7.57 27.15 4.44
C ILE B 17 -6.54 27.53 5.50
N TYR B 18 -5.66 26.60 5.87
CA TYR B 18 -4.42 26.90 6.57
C TYR B 18 -3.29 26.66 5.62
N THR B 19 -2.33 27.57 5.62
CA THR B 19 -1.14 27.50 4.83
C THR B 19 0.06 27.19 5.72
N LEU B 20 0.59 25.99 5.64
CA LEU B 20 1.69 25.50 6.44
C LEU B 20 3.05 25.63 5.80
N ASN B 21 3.20 25.20 4.56
CA ASN B 21 4.52 25.14 3.94
C ASN B 21 5.58 24.54 4.86
N ASP B 22 5.27 23.36 5.37
CA ASP B 22 6.15 22.69 6.32
C ASP B 22 5.82 21.24 6.32
N LYS B 23 6.82 20.45 6.68
CA LYS B 23 6.57 19.04 6.90
CA LYS B 23 6.61 19.04 6.92
C LYS B 23 5.80 18.83 8.20
N ILE B 24 5.20 17.66 8.30
CA ILE B 24 4.42 17.23 9.47
C ILE B 24 5.39 16.94 10.62
N PHE B 25 5.10 17.53 11.76
CA PHE B 25 5.91 17.34 12.97
C PHE B 25 5.63 16.02 13.67
N SER B 26 4.37 15.67 13.81
CA SER B 26 4.03 14.38 14.42
C SER B 26 2.79 13.76 13.79
N TYR B 27 2.77 12.41 13.76
CA TYR B 27 1.66 11.64 13.23
C TYR B 27 1.20 10.69 14.30
N THR B 28 -0.07 10.68 14.58
CA THR B 28 -0.71 9.82 15.54
C THR B 28 -1.88 9.09 14.89
N GLU B 29 -1.99 7.79 15.16
CA GLU B 29 -3.18 7.09 14.76
CA GLU B 29 -3.05 6.98 14.68
C GLU B 29 -3.61 6.10 15.77
N SER B 30 -4.91 5.89 15.82
CA SER B 30 -5.59 5.06 16.79
C SER B 30 -6.54 4.07 16.15
N LEU B 31 -6.54 2.85 16.69
CA LEU B 31 -7.52 1.83 16.40
C LEU B 31 -8.56 1.64 17.48
N ALA B 32 -8.50 2.41 18.56
CA ALA B 32 -9.44 2.29 19.66
C ALA B 32 -10.85 2.58 19.18
N GLY B 33 -11.81 1.76 19.68
CA GLY B 33 -13.17 1.85 19.16
C GLY B 33 -13.78 3.21 19.47
N LYS B 34 -14.42 3.80 18.44
CA LYS B 34 -14.98 5.19 18.48
C LYS B 34 -13.92 6.25 18.34
N ARG B 35 -12.64 5.85 18.23
CA ARG B 35 -11.56 6.80 18.01
C ARG B 35 -10.62 6.29 16.93
N GLU B 36 -11.23 5.77 15.86
CA GLU B 36 -10.48 5.27 14.70
C GLU B 36 -10.17 6.49 13.85
N MET B 37 -9.03 7.10 14.12
CA MET B 37 -8.72 8.46 13.66
C MET B 37 -7.24 8.67 13.53
N ALA B 38 -6.83 9.76 12.90
CA ALA B 38 -5.45 10.19 12.85
C ALA B 38 -5.36 11.64 13.32
N ILE B 39 -4.25 12.03 13.95
CA ILE B 39 -3.99 13.41 14.34
C ILE B 39 -2.60 13.78 13.85
N ILE B 40 -2.44 14.93 13.21
CA ILE B 40 -1.14 15.43 12.81
C ILE B 40 -0.93 16.79 13.48
N THR B 41 0.34 17.11 13.72
CA THR B 41 0.70 18.44 14.23
C THR B 41 1.83 19.01 13.39
N PHE B 42 2.01 20.32 13.44
CA PHE B 42 3.12 21.04 12.85
C PHE B 42 3.89 21.78 13.93
N LYS B 43 5.15 22.10 13.61
CA LYS B 43 6.07 22.79 14.51
C LYS B 43 5.46 24.08 15.05
N ASN B 44 4.62 24.76 14.26
CA ASN B 44 3.98 26.06 14.70
C ASN B 44 2.85 25.85 15.71
N GLY B 45 2.57 24.61 16.07
CA GLY B 45 1.55 24.23 17.03
C GLY B 45 0.18 23.87 16.50
N ALA B 46 -0.03 23.91 15.18
CA ALA B 46 -1.29 23.56 14.59
C ALA B 46 -1.56 22.03 14.79
N ILE B 47 -2.79 21.70 15.14
CA ILE B 47 -3.23 20.32 15.36
C ILE B 47 -4.45 20.03 14.49
N PHE B 48 -4.41 18.96 13.69
CA PHE B 48 -5.53 18.61 12.85
C PHE B 48 -5.87 17.18 12.97
N GLN B 49 -7.12 16.80 12.75
CA GLN B 49 -7.58 15.40 12.73
C GLN B 49 -8.08 14.99 11.35
N VAL B 50 -8.03 13.70 11.09
CA VAL B 50 -8.92 13.03 10.17
C VAL B 50 -10.00 12.38 11.01
N GLU B 51 -11.22 12.87 10.87
CA GLU B 51 -12.37 12.45 11.68
C GLU B 51 -12.64 10.98 11.61
N VAL B 52 -13.20 10.50 12.71
CA VAL B 52 -13.80 9.20 12.73
C VAL B 52 -14.94 9.15 11.73
N PRO B 53 -15.03 8.10 10.88
CA PRO B 53 -16.14 8.10 9.90
C PRO B 53 -17.49 8.07 10.64
N GLY B 54 -18.48 8.88 10.25
CA GLY B 54 -19.83 8.80 10.80
C GLY B 54 -20.91 9.13 9.82
N SER B 55 -22.13 9.31 10.36
CA SER B 55 -23.30 9.64 9.57
C SER B 55 -23.25 11.00 8.88
N GLN B 56 -22.40 11.92 9.31
CA GLN B 56 -22.21 13.17 8.56
C GLN B 56 -21.57 12.94 7.18
N HIS B 57 -20.82 11.85 7.08
CA HIS B 57 -20.15 11.47 5.81
C HIS B 57 -21.09 10.75 4.91
N ILE B 58 -20.97 11.08 3.64
CA ILE B 58 -21.68 10.32 2.60
C ILE B 58 -20.79 9.18 2.21
N ASP B 59 -21.40 8.18 1.58
CA ASP B 59 -20.71 6.93 1.35
C ASP B 59 -19.48 7.06 0.48
N SER B 60 -19.51 7.91 -0.52
CA SER B 60 -18.33 8.18 -1.35
C SER B 60 -17.12 8.69 -0.56
N GLN B 61 -17.33 9.26 0.61
CA GLN B 61 -16.19 9.76 1.39
C GLN B 61 -15.40 8.67 2.11
N LYS B 62 -16.02 7.52 2.34
CA LYS B 62 -15.37 6.50 3.18
C LYS B 62 -14.04 6.09 2.65
N LYS B 63 -13.98 5.71 1.38
CA LYS B 63 -12.68 5.36 0.76
C LYS B 63 -11.68 6.54 0.85
N ALA B 64 -12.21 7.76 0.66
CA ALA B 64 -11.35 8.91 0.62
C ALA B 64 -10.78 9.26 2.01
N ILE B 65 -11.53 8.99 3.08
CA ILE B 65 -11.06 9.12 4.42
C ILE B 65 -9.87 8.17 4.65
N GLU B 66 -10.00 6.93 4.20
CA GLU B 66 -8.95 5.95 4.38
C GLU B 66 -7.73 6.38 3.61
N ARG B 67 -7.94 6.86 2.38
CA ARG B 67 -6.84 7.33 1.57
CA ARG B 67 -6.82 7.30 1.53
C ARG B 67 -6.11 8.47 2.22
N MET B 68 -6.87 9.42 2.82
CA MET B 68 -6.23 10.54 3.49
C MET B 68 -5.27 10.14 4.62
N LYS B 69 -5.72 9.18 5.43
CA LYS B 69 -4.82 8.68 6.49
C LYS B 69 -3.56 8.02 5.86
N ASP B 70 -3.73 7.29 4.75
CA ASP B 70 -2.58 6.74 4.03
C ASP B 70 -1.64 7.87 3.60
N THR B 71 -2.25 8.95 3.07
CA THR B 71 -1.45 10.08 2.57
C THR B 71 -0.66 10.75 3.69
N LEU B 72 -1.33 10.96 4.80
CA LEU B 72 -0.67 11.65 5.93
C LEU B 72 0.48 10.83 6.53
N ARG B 73 0.25 9.52 6.59
CA ARG B 73 1.33 8.67 7.13
C ARG B 73 2.55 8.78 6.23
N ILE B 74 2.35 8.59 4.93
CA ILE B 74 3.51 8.60 4.05
C ILE B 74 4.15 9.97 3.89
N ALA B 75 3.31 11.01 3.91
CA ALA B 75 3.81 12.38 3.90
C ALA B 75 4.71 12.59 5.15
N TYR B 76 4.23 12.15 6.32
CA TYR B 76 5.03 12.22 7.55
C TYR B 76 6.38 11.52 7.37
N LEU B 77 6.35 10.26 6.93
CA LEU B 77 7.56 9.45 6.89
C LEU B 77 8.54 9.89 5.82
N THR B 78 8.04 10.51 4.76
CA THR B 78 8.92 11.08 3.71
C THR B 78 9.32 12.54 3.92
N GLU B 79 8.85 13.13 5.03
CA GLU B 79 9.06 14.55 5.32
CA GLU B 79 9.08 14.55 5.31
C GLU B 79 8.63 15.47 4.19
N ALA B 80 7.53 15.11 3.56
CA ALA B 80 7.02 15.94 2.44
C ALA B 80 6.47 17.23 3.02
N LYS B 81 6.79 18.32 2.33
CA LYS B 81 6.21 19.67 2.70
C LYS B 81 4.72 19.69 2.38
N VAL B 82 3.89 19.99 3.38
CA VAL B 82 2.51 20.24 3.20
C VAL B 82 2.36 21.73 2.86
N GLU B 83 1.68 21.99 1.75
CA GLU B 83 1.44 23.40 1.37
C GLU B 83 0.21 23.88 2.12
N LYS B 84 -0.97 23.39 1.80
CA LYS B 84 -2.21 23.79 2.43
C LYS B 84 -3.03 22.66 2.94
N LEU B 85 -3.81 22.94 3.97
CA LEU B 85 -4.92 22.09 4.41
C LEU B 85 -6.22 22.87 4.31
N CYS B 86 -7.24 22.26 3.75
CA CYS B 86 -8.58 22.76 3.89
C CYS B 86 -9.20 21.97 5.03
N VAL B 87 -9.66 22.66 6.05
CA VAL B 87 -10.25 22.01 7.18
C VAL B 87 -11.64 22.50 7.54
N TRP B 88 -12.45 21.65 8.18
CA TRP B 88 -13.68 22.06 8.83
C TRP B 88 -13.35 22.63 10.17
N ASN B 89 -13.88 23.81 10.42
CA ASN B 89 -13.62 24.58 11.66
C ASN B 89 -14.70 24.43 12.71
N ASN B 90 -15.68 23.58 12.46
CA ASN B 90 -16.74 23.29 13.43
C ASN B 90 -16.48 21.97 14.14
N LYS B 91 -15.21 21.55 14.13
CA LYS B 91 -14.74 20.39 14.92
C LYS B 91 -13.42 20.76 15.57
N THR B 92 -13.14 20.08 16.74
CA THR B 92 -11.90 20.29 17.47
C THR B 92 -11.26 18.89 17.71
N PRO B 93 -10.01 18.65 17.31
CA PRO B 93 -9.23 19.49 16.37
C PRO B 93 -9.97 19.78 15.03
N HIS B 94 -9.53 20.80 14.30
CA HIS B 94 -10.13 21.09 12.99
C HIS B 94 -9.90 19.83 12.14
N ALA B 95 -10.90 19.51 11.32
CA ALA B 95 -10.97 18.23 10.57
C ALA B 95 -10.55 18.40 9.15
N ILE B 96 -9.62 17.56 8.68
CA ILE B 96 -9.05 17.71 7.35
C ILE B 96 -10.03 17.33 6.27
N ALA B 97 -10.24 18.25 5.32
CA ALA B 97 -11.07 18.00 4.10
C ALA B 97 -10.21 17.74 2.89
N ALA B 98 -9.08 18.40 2.78
CA ALA B 98 -8.17 18.27 1.62
C ALA B 98 -6.77 18.71 1.99
N ILE B 99 -5.77 18.22 1.26
CA ILE B 99 -4.39 18.54 1.43
C ILE B 99 -3.73 18.85 0.13
N SER B 100 -2.82 19.79 0.09
CA SER B 100 -1.93 20.02 -1.06
C SER B 100 -0.52 19.94 -0.63
N MET B 101 0.32 19.36 -1.49
CA MET B 101 1.75 19.22 -1.26
C MET B 101 2.48 19.79 -2.46
N ALA B 102 3.52 20.58 -2.25
CA ALA B 102 4.42 21.12 -3.32
C ALA B 102 5.87 21.26 -2.75
N ASN B 103 6.94 21.25 -3.55
CA ASN B 103 8.37 21.54 -3.10
C ASN B 103 8.50 22.79 -2.24
N THR C 1 -5.69 -5.08 -28.31
CA THR C 1 -5.18 -4.34 -27.10
C THR C 1 -4.07 -3.46 -27.58
N PRO C 2 -4.04 -2.24 -27.07
CA PRO C 2 -3.00 -1.32 -27.49
C PRO C 2 -1.66 -1.67 -26.87
N GLN C 3 -0.64 -1.14 -27.54
CA GLN C 3 0.76 -1.38 -27.24
C GLN C 3 1.45 -0.36 -26.38
N ASN C 4 0.83 0.82 -26.28
CA ASN C 4 1.47 1.96 -25.61
C ASN C 4 0.38 2.97 -25.31
N ILE C 5 0.71 3.96 -24.46
CA ILE C 5 -0.25 4.96 -24.06
C ILE C 5 -0.89 5.78 -25.20
N THR C 6 -0.09 6.07 -26.20
CA THR C 6 -0.57 6.90 -27.32
C THR C 6 -1.66 6.14 -28.07
N ASP C 7 -1.40 4.88 -28.39
CA ASP C 7 -2.39 4.06 -29.09
C ASP C 7 -3.59 3.77 -28.22
N LEU C 8 -3.39 3.62 -26.88
CA LEU C 8 -4.49 3.41 -26.01
C LEU C 8 -5.40 4.67 -26.03
N CYS C 9 -4.75 5.82 -25.94
CA CYS C 9 -5.49 7.09 -25.89
C CYS C 9 -6.35 7.28 -27.14
N ALA C 10 -5.85 6.81 -28.27
CA ALA C 10 -6.55 6.90 -29.57
C ALA C 10 -7.76 5.99 -29.65
N GLU C 11 -7.97 5.10 -28.70
CA GLU C 11 -9.15 4.27 -28.66
C GLU C 11 -10.37 4.93 -28.07
N TYR C 12 -10.27 6.23 -27.71
CA TYR C 12 -11.33 6.90 -27.02
C TYR C 12 -11.62 8.26 -27.67
N HIS C 13 -12.88 8.67 -27.64
CA HIS C 13 -13.26 10.03 -28.05
C HIS C 13 -12.93 10.98 -26.94
N ASN C 14 -12.76 12.24 -27.29
CA ASN C 14 -12.53 13.35 -26.32
C ASN C 14 -11.22 13.16 -25.57
N THR C 15 -10.19 12.65 -26.18
CA THR C 15 -8.91 12.51 -25.50
C THR C 15 -7.76 13.18 -26.26
N GLN C 16 -6.67 13.45 -25.56
CA GLN C 16 -5.44 13.82 -26.16
C GLN C 16 -4.26 13.44 -25.25
N ILE C 17 -3.10 13.32 -25.85
CA ILE C 17 -1.84 13.02 -25.19
C ILE C 17 -1.14 14.33 -24.91
N TYR C 18 -0.66 14.47 -23.68
CA TYR C 18 0.32 15.49 -23.33
CA TYR C 18 0.28 15.51 -23.28
C TYR C 18 1.60 14.83 -22.97
N THR C 19 2.71 15.41 -23.45
CA THR C 19 4.03 14.89 -23.17
C THR C 19 4.66 15.87 -22.19
N LEU C 20 4.74 15.44 -20.94
CA LEU C 20 5.27 16.30 -19.84
C LEU C 20 6.76 16.16 -19.71
N ASN C 21 7.23 14.89 -19.76
CA ASN C 21 8.60 14.58 -19.39
C ASN C 21 9.10 15.35 -18.18
N ASP C 22 8.34 15.31 -17.09
CA ASP C 22 8.66 16.10 -15.90
C ASP C 22 8.03 15.45 -14.69
N LYS C 23 8.63 15.69 -13.54
CA LYS C 23 8.02 15.31 -12.27
C LYS C 23 6.80 16.16 -11.95
N ILE C 24 5.94 15.67 -11.09
CA ILE C 24 4.77 16.37 -10.66
C ILE C 24 5.15 17.54 -9.76
N PHE C 25 4.60 18.74 -10.00
CA PHE C 25 4.91 19.91 -9.21
C PHE C 25 4.13 19.95 -7.91
N SER C 26 2.87 19.58 -8.00
CA SER C 26 2.01 19.55 -6.82
C SER C 26 0.99 18.46 -6.88
N TYR C 27 0.66 17.94 -5.70
CA TYR C 27 -0.35 16.93 -5.53
C TYR C 27 -1.36 17.35 -4.51
N THR C 28 -2.62 17.35 -4.86
CA THR C 28 -3.73 17.67 -4.01
C THR C 28 -4.72 16.54 -3.95
N GLU C 29 -5.28 16.25 -2.80
CA GLU C 29 -6.38 15.30 -2.72
C GLU C 29 -7.38 15.78 -1.67
N SER C 30 -8.61 15.41 -1.92
CA SER C 30 -9.74 15.84 -1.14
C SER C 30 -10.59 14.64 -0.74
N LEU C 31 -11.08 14.65 0.50
CA LEU C 31 -12.11 13.71 0.99
C LEU C 31 -13.46 14.37 1.16
N ALA C 32 -13.54 15.68 0.79
CA ALA C 32 -14.82 16.39 0.92
C ALA C 32 -15.92 15.78 0.03
N GLY C 33 -17.15 15.71 0.55
CA GLY C 33 -18.15 14.93 -0.17
C GLY C 33 -18.57 15.58 -1.49
N LYS C 34 -18.66 14.75 -2.54
CA LYS C 34 -18.87 15.17 -3.94
C LYS C 34 -17.62 15.73 -4.57
N ARG C 35 -16.50 15.80 -3.83
CA ARG C 35 -15.18 16.21 -4.37
C ARG C 35 -14.08 15.29 -3.92
N GLU C 36 -14.38 14.00 -4.02
CA GLU C 36 -13.41 12.91 -3.68
C GLU C 36 -12.56 12.73 -4.88
N MET C 37 -11.49 13.48 -4.95
CA MET C 37 -10.71 13.67 -6.20
C MET C 37 -9.26 13.94 -5.88
N ALA C 38 -8.38 13.88 -6.87
CA ALA C 38 -7.04 14.36 -6.82
C ALA C 38 -6.78 15.34 -7.95
N ILE C 39 -5.92 16.31 -7.69
CA ILE C 39 -5.48 17.30 -8.69
C ILE C 39 -3.98 17.33 -8.64
N ILE C 40 -3.36 17.24 -9.80
CA ILE C 40 -1.96 17.45 -9.92
C ILE C 40 -1.65 18.59 -10.84
N THR C 41 -0.51 19.21 -10.63
CA THR C 41 0.00 20.25 -11.58
C THR C 41 1.42 19.98 -11.91
N PHE C 42 1.87 20.57 -13.02
CA PHE C 42 3.25 20.54 -13.48
C PHE C 42 3.73 21.97 -13.55
N LYS C 43 5.04 22.11 -13.57
CA LYS C 43 5.73 23.38 -13.56
C LYS C 43 5.36 24.19 -14.80
N ASN C 44 4.99 23.55 -15.90
CA ASN C 44 4.53 24.33 -17.13
C ASN C 44 3.12 24.89 -16.94
N GLY C 45 2.51 24.68 -15.76
CA GLY C 45 1.17 25.22 -15.43
C GLY C 45 0.04 24.23 -15.62
N ALA C 46 0.25 23.16 -16.38
CA ALA C 46 -0.83 22.28 -16.66
C ALA C 46 -1.44 21.66 -15.41
N ILE C 47 -2.76 21.56 -15.42
CA ILE C 47 -3.50 21.04 -14.28
C ILE C 47 -4.30 19.84 -14.74
N PHE C 48 -4.27 18.76 -13.94
CA PHE C 48 -5.06 17.57 -14.28
C PHE C 48 -5.80 17.08 -13.06
N GLN C 49 -6.91 16.42 -13.26
CA GLN C 49 -7.69 15.77 -12.16
C GLN C 49 -7.77 14.25 -12.39
N VAL C 50 -7.91 13.52 -11.30
CA VAL C 50 -8.58 12.26 -11.28
C VAL C 50 -10.01 12.49 -10.89
N GLU C 51 -10.94 12.28 -11.80
CA GLU C 51 -12.33 12.64 -11.56
C GLU C 51 -12.96 11.91 -10.39
N VAL C 52 -13.91 12.57 -9.77
CA VAL C 52 -14.80 11.93 -8.88
C VAL C 52 -15.53 10.80 -9.60
N PRO C 53 -15.64 9.60 -9.02
CA PRO C 53 -16.42 8.54 -9.72
C PRO C 53 -17.85 8.98 -9.96
N GLY C 54 -18.37 8.71 -11.15
CA GLY C 54 -19.65 9.20 -11.58
C GLY C 54 -20.39 8.21 -12.49
N SER C 55 -21.55 8.63 -13.00
CA SER C 55 -22.37 7.76 -13.80
C SER C 55 -21.74 7.43 -15.13
N GLN C 56 -20.79 8.22 -15.56
CA GLN C 56 -20.04 7.90 -16.79
C GLN C 56 -19.12 6.72 -16.68
N HIS C 57 -18.70 6.39 -15.46
CA HIS C 57 -17.73 5.29 -15.22
C HIS C 57 -18.44 4.00 -15.20
N ILE C 58 -17.82 2.97 -15.77
CA ILE C 58 -18.32 1.62 -15.63
C ILE C 58 -17.64 0.99 -14.39
N ASP C 59 -18.20 -0.11 -13.94
CA ASP C 59 -17.79 -0.64 -12.63
C ASP C 59 -16.34 -1.04 -12.65
N SER C 60 -15.86 -1.60 -13.74
CA SER C 60 -14.44 -2.00 -13.84
C SER C 60 -13.44 -0.83 -13.68
N GLN C 61 -13.91 0.37 -13.84
CA GLN C 61 -13.03 1.50 -13.68
C GLN C 61 -12.79 1.87 -12.21
N LYS C 62 -13.71 1.48 -11.32
CA LYS C 62 -13.61 1.98 -9.92
C LYS C 62 -12.29 1.66 -9.25
N LYS C 63 -11.83 0.42 -9.37
CA LYS C 63 -10.56 0.08 -8.74
C LYS C 63 -9.40 0.80 -9.41
N ALA C 64 -9.54 1.01 -10.74
CA ALA C 64 -8.48 1.65 -11.48
C ALA C 64 -8.33 3.14 -11.11
N ILE C 65 -9.47 3.79 -10.85
CA ILE C 65 -9.51 5.15 -10.38
C ILE C 65 -8.74 5.26 -9.05
N GLU C 66 -9.02 4.33 -8.13
CA GLU C 66 -8.28 4.32 -6.82
C GLU C 66 -6.81 4.06 -7.04
N ARG C 67 -6.47 3.12 -7.96
CA ARG C 67 -5.08 2.87 -8.23
CA ARG C 67 -5.05 2.83 -8.24
C ARG C 67 -4.37 4.09 -8.77
N MET C 68 -5.07 4.82 -9.68
CA MET C 68 -4.42 5.97 -10.28
C MET C 68 -4.02 7.03 -9.19
N LYS C 69 -4.95 7.25 -8.27
CA LYS C 69 -4.61 8.24 -7.19
C LYS C 69 -3.43 7.72 -6.38
N ASP C 70 -3.35 6.42 -6.13
CA ASP C 70 -2.20 5.83 -5.42
C ASP C 70 -0.92 6.12 -6.22
N THR C 71 -1.01 5.89 -7.53
CA THR C 71 0.14 6.10 -8.40
C THR C 71 0.63 7.51 -8.40
N LEU C 72 -0.33 8.45 -8.56
CA LEU C 72 0.06 9.82 -8.60
C LEU C 72 0.73 10.33 -7.26
N ARG C 73 0.20 9.86 -6.15
CA ARG C 73 0.77 10.23 -4.83
C ARG C 73 2.23 9.73 -4.73
N ILE C 74 2.44 8.45 -5.05
CA ILE C 74 3.79 7.93 -4.93
C ILE C 74 4.71 8.48 -5.99
N ALA C 75 4.20 8.71 -7.22
CA ALA C 75 5.02 9.39 -8.18
C ALA C 75 5.46 10.80 -7.71
N TYR C 76 4.48 11.54 -7.15
CA TYR C 76 4.82 12.85 -6.58
C TYR C 76 5.93 12.76 -5.52
N LEU C 77 5.75 11.85 -4.57
CA LEU C 77 6.65 11.77 -3.42
C LEU C 77 8.00 11.26 -3.84
N THR C 78 8.09 10.46 -4.91
CA THR C 78 9.36 9.94 -5.37
C THR C 78 10.03 10.82 -6.43
N GLU C 79 9.33 11.89 -6.85
CA GLU C 79 9.80 12.77 -7.91
CA GLU C 79 9.82 12.78 -7.91
C GLU C 79 10.00 12.01 -9.22
N ALA C 80 9.18 11.00 -9.47
CA ALA C 80 9.27 10.23 -10.71
C ALA C 80 8.88 11.09 -11.89
N LYS C 81 9.68 11.00 -12.94
CA LYS C 81 9.32 11.68 -14.19
C LYS C 81 8.11 11.03 -14.84
N VAL C 82 7.12 11.87 -15.12
CA VAL C 82 5.97 11.54 -15.93
C VAL C 82 6.29 11.80 -17.37
N GLU C 83 6.11 10.76 -18.17
CA GLU C 83 6.41 10.87 -19.59
C GLU C 83 5.20 11.51 -20.27
N LYS C 84 4.12 10.77 -20.37
CA LYS C 84 2.89 11.24 -20.98
C LYS C 84 1.67 11.02 -20.10
N LEU C 85 0.64 11.85 -20.34
CA LEU C 85 -0.68 11.62 -19.80
C LEU C 85 -1.61 11.50 -20.99
N CYS C 86 -2.53 10.56 -20.93
CA CYS C 86 -3.68 10.52 -21.82
C CYS C 86 -4.83 11.11 -20.99
N VAL C 87 -5.49 12.16 -21.48
CA VAL C 87 -6.52 12.83 -20.71
C VAL C 87 -7.76 13.03 -21.51
N TRP C 88 -8.90 13.06 -20.86
CA TRP C 88 -10.13 13.57 -21.46
C TRP C 88 -10.10 15.07 -21.43
N ASN C 89 -10.30 15.67 -22.62
CA ASN C 89 -10.27 17.14 -22.75
C ASN C 89 -11.64 17.78 -22.75
N ASN C 90 -12.67 17.01 -22.45
CA ASN C 90 -14.06 17.53 -22.33
C ASN C 90 -14.42 17.82 -20.85
N LYS C 91 -13.41 17.86 -20.01
CA LYS C 91 -13.54 18.21 -18.56
C LYS C 91 -12.48 19.23 -18.21
N THR C 92 -12.77 20.05 -17.21
CA THR C 92 -11.82 21.03 -16.67
C THR C 92 -11.71 20.87 -15.13
N PRO C 93 -10.55 20.53 -14.58
CA PRO C 93 -9.30 20.24 -15.27
C PRO C 93 -9.47 18.99 -16.19
N HIS C 94 -8.57 18.87 -17.16
CA HIS C 94 -8.61 17.71 -17.98
C HIS C 94 -8.43 16.44 -17.11
N ALA C 95 -9.15 15.39 -17.45
CA ALA C 95 -9.30 14.22 -16.59
C ALA C 95 -8.36 13.09 -17.03
N ILE C 96 -7.55 12.59 -16.12
CA ILE C 96 -6.55 11.56 -16.44
C ILE C 96 -7.19 10.23 -16.77
N ALA C 97 -6.82 9.68 -17.95
CA ALA C 97 -7.20 8.33 -18.37
C ALA C 97 -6.08 7.36 -18.21
N ALA C 98 -4.87 7.81 -18.48
CA ALA C 98 -3.67 6.93 -18.38
C ALA C 98 -2.44 7.75 -18.18
N ILE C 99 -1.42 7.11 -17.54
CA ILE C 99 -0.17 7.76 -17.33
C ILE C 99 0.98 6.85 -17.75
N SER C 100 2.06 7.41 -18.27
CA SER C 100 3.28 6.67 -18.51
C SER C 100 4.42 7.39 -17.77
N MET C 101 5.32 6.61 -17.17
CA MET C 101 6.51 7.08 -16.50
C MET C 101 7.69 6.42 -17.13
N ALA C 102 8.72 7.24 -17.36
CA ALA C 102 9.98 6.72 -17.88
C ALA C 102 11.04 7.75 -17.51
N ASN C 103 12.29 7.30 -17.46
CA ASN C 103 13.49 8.17 -17.61
C ASN C 103 13.67 9.16 -16.52
N THR D 1 3.43 -28.27 -6.39
CA THR D 1 3.73 -26.83 -6.38
C THR D 1 5.14 -26.56 -6.82
N PRO D 2 5.35 -25.63 -7.74
CA PRO D 2 6.68 -25.34 -8.23
C PRO D 2 7.58 -24.62 -7.28
N GLN D 3 8.88 -24.67 -7.51
CA GLN D 3 9.83 -24.01 -6.65
C GLN D 3 10.49 -22.82 -7.24
N ASN D 4 10.14 -22.48 -8.51
CA ASN D 4 10.70 -21.32 -9.14
C ASN D 4 9.78 -20.94 -10.35
N ILE D 5 10.07 -19.78 -10.87
CA ILE D 5 9.25 -19.19 -11.96
C ILE D 5 9.27 -20.05 -13.23
N THR D 6 10.41 -20.68 -13.53
CA THR D 6 10.56 -21.41 -14.78
C THR D 6 9.63 -22.60 -14.73
N ASP D 7 9.71 -23.32 -13.63
CA ASP D 7 8.84 -24.47 -13.41
C ASP D 7 7.37 -24.16 -13.31
N LEU D 8 7.06 -23.05 -12.64
CA LEU D 8 5.67 -22.60 -12.61
C LEU D 8 5.15 -22.29 -14.03
N CYS D 9 5.96 -21.59 -14.77
CA CYS D 9 5.57 -21.16 -16.15
C CYS D 9 5.20 -22.36 -17.03
N ALA D 10 5.90 -23.45 -16.83
CA ALA D 10 5.75 -24.65 -17.65
C ALA D 10 4.50 -25.44 -17.25
N GLU D 11 3.83 -25.05 -16.16
CA GLU D 11 2.56 -25.65 -15.77
C GLU D 11 1.37 -25.08 -16.59
N TYR D 12 1.63 -24.24 -17.60
CA TYR D 12 0.57 -23.62 -18.40
C TYR D 12 0.86 -23.75 -19.87
N HIS D 13 -0.19 -23.85 -20.67
CA HIS D 13 0.01 -23.74 -22.14
C HIS D 13 0.10 -22.30 -22.56
N ASN D 14 0.68 -22.04 -23.73
CA ASN D 14 0.84 -20.71 -24.30
C ASN D 14 1.70 -19.75 -23.49
N THR D 15 2.71 -20.28 -22.82
CA THR D 15 3.62 -19.49 -22.01
C THR D 15 5.05 -19.59 -22.50
N GLN D 16 5.83 -18.57 -22.14
CA GLN D 16 7.25 -18.67 -22.17
C GLN D 16 7.93 -17.77 -21.18
N ILE D 17 9.19 -18.06 -20.91
CA ILE D 17 10.05 -17.25 -20.04
C ILE D 17 10.89 -16.28 -20.83
N TYR D 18 10.87 -15.02 -20.41
CA TYR D 18 11.83 -14.05 -20.87
C TYR D 18 12.79 -13.74 -19.73
N THR D 19 14.08 -13.68 -20.08
CA THR D 19 15.14 -13.38 -19.12
C THR D 19 15.64 -11.97 -19.37
N LEU D 20 15.26 -11.04 -18.50
CA LEU D 20 15.55 -9.62 -18.66
C LEU D 20 16.80 -9.19 -17.96
N ASN D 21 16.92 -9.57 -16.68
CA ASN D 21 18.01 -9.12 -15.84
C ASN D 21 18.21 -7.65 -15.96
N ASP D 22 17.12 -6.90 -15.86
CA ASP D 22 17.21 -5.46 -15.99
C ASP D 22 16.04 -4.82 -15.26
N LYS D 23 16.16 -3.54 -14.94
CA LYS D 23 15.06 -2.80 -14.34
C LYS D 23 14.06 -2.47 -15.42
N ILE D 24 12.86 -2.15 -14.98
CA ILE D 24 11.82 -1.72 -15.90
C ILE D 24 12.18 -0.33 -16.45
N PHE D 25 11.99 -0.16 -17.78
CA PHE D 25 12.25 1.09 -18.45
C PHE D 25 11.10 2.09 -18.40
N SER D 26 9.90 1.59 -18.49
CA SER D 26 8.71 2.41 -18.44
C SER D 26 7.59 1.62 -17.87
N TYR D 27 6.73 2.38 -17.14
CA TYR D 27 5.52 1.86 -16.52
C TYR D 27 4.36 2.77 -16.98
N THR D 28 3.32 2.11 -17.48
CA THR D 28 2.09 2.76 -17.94
C THR D 28 0.90 2.09 -17.28
N GLU D 29 -0.06 2.92 -16.84
CA GLU D 29 -1.30 2.37 -16.37
C GLU D 29 -2.47 3.23 -16.84
N SER D 30 -3.57 2.53 -17.00
CA SER D 30 -4.78 3.15 -17.53
C SER D 30 -6.01 2.81 -16.69
N LEU D 31 -6.88 3.81 -16.49
CA LEU D 31 -8.19 3.64 -15.89
C LEU D 31 -9.35 3.76 -16.87
N ALA D 32 -8.98 3.91 -18.19
CA ALA D 32 -9.99 4.01 -19.20
C ALA D 32 -10.81 2.73 -19.28
N GLY D 33 -12.13 2.90 -19.47
CA GLY D 33 -13.00 1.71 -19.36
C GLY D 33 -12.72 0.73 -20.48
N LYS D 34 -12.71 -0.55 -20.14
CA LYS D 34 -12.34 -1.66 -21.01
C LYS D 34 -10.84 -1.71 -21.28
N ARG D 35 -10.02 -0.81 -20.72
CA ARG D 35 -8.58 -0.82 -20.80
C ARG D 35 -7.94 -0.58 -19.44
N GLU D 36 -8.52 -1.19 -18.42
CA GLU D 36 -7.99 -1.10 -17.03
C GLU D 36 -6.82 -2.08 -16.90
N MET D 37 -5.65 -1.59 -17.21
CA MET D 37 -4.46 -2.41 -17.51
C MET D 37 -3.18 -1.67 -17.23
N ALA D 38 -2.08 -2.43 -17.18
CA ALA D 38 -0.79 -1.84 -17.10
C ALA D 38 0.09 -2.36 -18.21
N ILE D 39 1.06 -1.55 -18.64
CA ILE D 39 2.02 -1.94 -19.69
C ILE D 39 3.38 -1.54 -19.21
N ILE D 40 4.34 -2.44 -19.28
CA ILE D 40 5.72 -2.12 -18.96
C ILE D 40 6.62 -2.40 -20.15
N THR D 41 7.70 -1.67 -20.23
CA THR D 41 8.69 -1.92 -21.25
C THR D 41 10.03 -1.99 -20.66
N PHE D 42 10.94 -2.64 -21.37
CA PHE D 42 12.31 -2.67 -20.99
C PHE D 42 13.16 -1.96 -22.00
N LYS D 43 14.42 -1.68 -21.67
CA LYS D 43 15.26 -0.88 -22.54
C LYS D 43 15.49 -1.47 -23.93
N ASN D 44 15.46 -2.81 -24.06
CA ASN D 44 15.50 -3.49 -25.37
C ASN D 44 14.25 -3.41 -26.31
N GLY D 45 13.23 -2.73 -25.79
CA GLY D 45 11.96 -2.46 -26.48
C GLY D 45 10.83 -3.40 -26.13
N ALA D 46 11.16 -4.55 -25.51
CA ALA D 46 10.11 -5.52 -25.24
C ALA D 46 8.99 -4.97 -24.38
N ILE D 47 7.77 -5.28 -24.80
CA ILE D 47 6.58 -4.74 -24.16
C ILE D 47 5.78 -5.88 -23.53
N PHE D 48 5.28 -5.65 -22.31
CA PHE D 48 4.45 -6.61 -21.64
C PHE D 48 3.24 -5.96 -21.01
N GLN D 49 2.13 -6.68 -20.92
CA GLN D 49 0.92 -6.14 -20.26
C GLN D 49 0.51 -6.96 -19.06
N VAL D 50 -0.17 -6.30 -18.08
CA VAL D 50 -1.04 -7.00 -17.16
C VAL D 50 -2.43 -6.84 -17.77
N GLU D 51 -3.02 -7.94 -18.17
CA GLU D 51 -4.27 -7.89 -18.91
C GLU D 51 -5.41 -7.28 -18.11
N VAL D 52 -6.37 -6.69 -18.85
CA VAL D 52 -7.65 -6.33 -18.28
C VAL D 52 -8.30 -7.59 -17.74
N PRO D 53 -8.89 -7.54 -16.55
CA PRO D 53 -9.62 -8.76 -16.07
C PRO D 53 -10.72 -9.17 -17.05
N GLY D 54 -10.83 -10.44 -17.37
CA GLY D 54 -11.73 -10.94 -18.38
C GLY D 54 -12.30 -12.29 -18.08
N SER D 55 -13.09 -12.83 -19.00
CA SER D 55 -13.73 -14.13 -18.83
C SER D 55 -12.79 -15.26 -18.67
N GLN D 56 -11.63 -15.15 -19.24
CA GLN D 56 -10.62 -16.15 -19.13
C GLN D 56 -10.05 -16.32 -17.72
N HIS D 57 -10.17 -15.32 -16.87
CA HIS D 57 -9.63 -15.36 -15.50
C HIS D 57 -10.60 -16.05 -14.58
N ILE D 58 -10.08 -16.81 -13.63
CA ILE D 58 -10.91 -17.38 -12.56
C ILE D 58 -10.89 -16.42 -11.36
N ASP D 59 -11.88 -16.54 -10.51
CA ASP D 59 -12.08 -15.50 -9.48
C ASP D 59 -10.83 -15.28 -8.59
N SER D 60 -10.12 -16.37 -8.28
CA SER D 60 -8.91 -16.27 -7.44
C SER D 60 -7.82 -15.43 -8.08
N GLN D 61 -7.89 -15.23 -9.41
CA GLN D 61 -6.86 -14.39 -10.03
C GLN D 61 -7.08 -12.90 -9.80
N LYS D 62 -8.32 -12.49 -9.45
CA LYS D 62 -8.65 -11.04 -9.48
C LYS D 62 -7.75 -10.28 -8.48
N LYS D 63 -7.61 -10.80 -7.26
CA LYS D 63 -6.70 -10.13 -6.31
C LYS D 63 -5.25 -10.13 -6.77
N ALA D 64 -4.86 -11.24 -7.43
CA ALA D 64 -3.50 -11.38 -7.88
C ALA D 64 -3.13 -10.48 -8.99
N ILE D 65 -4.10 -10.20 -9.88
CA ILE D 65 -3.89 -9.23 -10.95
C ILE D 65 -3.64 -7.83 -10.32
N GLU D 66 -4.48 -7.48 -9.36
CA GLU D 66 -4.25 -6.19 -8.68
C GLU D 66 -2.90 -6.15 -7.99
N ARG D 67 -2.50 -7.22 -7.33
CA ARG D 67 -1.21 -7.29 -6.70
CA ARG D 67 -1.20 -7.28 -6.66
C ARG D 67 -0.07 -7.09 -7.69
N MET D 68 -0.20 -7.74 -8.87
CA MET D 68 0.87 -7.66 -9.86
C MET D 68 1.11 -6.21 -10.32
N LYS D 69 0.01 -5.49 -10.54
CA LYS D 69 0.17 -4.06 -10.90
C LYS D 69 0.82 -3.27 -9.79
N ASP D 70 0.50 -3.59 -8.56
CA ASP D 70 1.20 -2.98 -7.43
C ASP D 70 2.71 -3.27 -7.47
N THR D 71 3.02 -4.55 -7.72
CA THR D 71 4.39 -5.00 -7.75
C THR D 71 5.19 -4.30 -8.83
N LEU D 72 4.58 -4.22 -10.04
CA LEU D 72 5.29 -3.59 -11.14
C LEU D 72 5.54 -2.10 -10.94
N ARG D 73 4.58 -1.41 -10.32
CA ARG D 73 4.74 -0.01 -10.08
C ARG D 73 5.89 0.22 -9.07
N ILE D 74 5.94 -0.56 -8.00
CA ILE D 74 6.99 -0.34 -7.00
C ILE D 74 8.35 -0.82 -7.45
N ALA D 75 8.35 -1.90 -8.24
CA ALA D 75 9.56 -2.35 -8.87
C ALA D 75 10.13 -1.24 -9.78
N TYR D 76 9.24 -0.67 -10.59
CA TYR D 76 9.66 0.43 -11.46
C TYR D 76 10.29 1.58 -10.66
N LEU D 77 9.57 2.01 -9.63
CA LEU D 77 9.98 3.15 -8.87
C LEU D 77 11.24 2.94 -8.06
N THR D 78 11.50 1.72 -7.65
CA THR D 78 12.73 1.38 -6.92
C THR D 78 13.86 0.98 -7.82
N GLU D 79 13.61 0.84 -9.11
CA GLU D 79 14.60 0.38 -10.07
C GLU D 79 15.08 -1.05 -9.75
N ALA D 80 14.14 -1.85 -9.30
CA ALA D 80 14.45 -3.23 -8.95
C ALA D 80 14.73 -4.04 -10.21
N LYS D 81 15.81 -4.81 -10.19
CA LYS D 81 16.14 -5.69 -11.30
C LYS D 81 15.10 -6.81 -11.42
N VAL D 82 14.49 -6.93 -12.62
CA VAL D 82 13.65 -8.02 -12.92
C VAL D 82 14.53 -9.12 -13.46
N GLU D 83 14.42 -10.33 -12.91
CA GLU D 83 15.18 -11.46 -13.41
C GLU D 83 14.42 -12.01 -14.61
N LYS D 84 13.28 -12.64 -14.34
CA LYS D 84 12.47 -13.28 -15.39
C LYS D 84 11.03 -12.80 -15.35
N LEU D 85 10.38 -12.89 -16.51
CA LEU D 85 8.96 -12.88 -16.61
C LEU D 85 8.46 -14.19 -17.23
N CYS D 86 7.39 -14.76 -16.70
CA CYS D 86 6.61 -15.80 -17.36
C CYS D 86 5.44 -15.09 -17.99
N VAL D 87 5.23 -15.30 -19.29
CA VAL D 87 4.21 -14.57 -19.99
C VAL D 87 3.39 -15.49 -20.85
N TRP D 88 2.13 -15.14 -21.06
CA TRP D 88 1.32 -15.74 -22.15
C TRP D 88 1.67 -15.07 -23.47
N ASN D 89 2.09 -15.89 -24.43
CA ASN D 89 2.51 -15.39 -25.75
C ASN D 89 1.39 -15.46 -26.78
N ASN D 90 0.18 -15.80 -26.35
CA ASN D 90 -0.98 -15.76 -27.26
C ASN D 90 -1.76 -14.45 -27.18
N LYS D 91 -1.14 -13.44 -26.58
CA LYS D 91 -1.71 -12.09 -26.52
C LYS D 91 -0.65 -11.12 -26.93
N THR D 92 -1.08 -9.95 -27.37
N THR D 92 -1.08 -9.96 -27.39
CA THR D 92 -0.13 -8.94 -27.72
CA THR D 92 -0.20 -8.89 -27.74
C THR D 92 -0.64 -7.59 -27.17
C THR D 92 -0.70 -7.60 -27.08
N PRO D 93 0.15 -6.93 -26.30
CA PRO D 93 1.45 -7.38 -25.76
C PRO D 93 1.33 -8.70 -24.98
N HIS D 94 2.45 -9.41 -24.94
CA HIS D 94 2.51 -10.63 -24.16
C HIS D 94 2.07 -10.31 -22.71
N ALA D 95 1.30 -11.22 -22.13
CA ALA D 95 0.59 -10.99 -20.86
C ALA D 95 1.34 -11.60 -19.71
N ILE D 96 1.67 -10.80 -18.68
CA ILE D 96 2.43 -11.33 -17.52
C ILE D 96 1.59 -12.27 -16.68
N ALA D 97 2.17 -13.46 -16.45
CA ALA D 97 1.67 -14.50 -15.55
C ALA D 97 2.45 -14.50 -14.22
N ALA D 98 3.73 -14.21 -14.29
CA ALA D 98 4.61 -14.25 -13.08
C ALA D 98 5.84 -13.45 -13.31
N ILE D 99 6.45 -12.98 -12.20
CA ILE D 99 7.65 -12.20 -12.23
C ILE D 99 8.60 -12.70 -11.16
N SER D 100 9.89 -12.66 -11.44
CA SER D 100 10.92 -12.91 -10.44
C SER D 100 11.84 -11.74 -10.43
N MET D 101 12.25 -11.34 -9.22
CA MET D 101 13.20 -10.30 -9.00
C MET D 101 14.37 -10.83 -8.19
N ALA D 102 15.58 -10.50 -8.64
CA ALA D 102 16.82 -10.90 -7.93
C ALA D 102 17.83 -9.87 -8.36
N ASN D 103 18.77 -9.58 -7.49
CA ASN D 103 19.75 -8.60 -7.81
C ASN D 103 20.84 -9.02 -8.76
N THR E 1 -1.53 -15.90 24.53
CA THR E 1 -0.99 -15.35 23.28
C THR E 1 0.52 -15.39 23.37
N PRO E 2 1.18 -15.83 22.31
CA PRO E 2 2.63 -15.90 22.31
C PRO E 2 3.32 -14.54 22.23
N GLN E 3 4.55 -14.42 22.73
CA GLN E 3 5.30 -13.14 22.69
C GLN E 3 6.40 -13.06 21.70
N ASN E 4 6.60 -14.13 20.88
CA ASN E 4 7.64 -14.14 19.87
C ASN E 4 7.30 -15.24 18.85
N ILE E 5 7.98 -15.20 17.75
CA ILE E 5 7.70 -16.12 16.62
C ILE E 5 7.96 -17.59 16.99
N THR E 6 8.94 -17.84 17.83
CA THR E 6 9.29 -19.25 18.15
C THR E 6 8.16 -19.90 18.95
N ASP E 7 7.66 -19.15 19.91
CA ASP E 7 6.58 -19.65 20.74
C ASP E 7 5.28 -19.75 19.95
N LEU E 8 5.03 -18.78 19.02
CA LEU E 8 3.87 -18.85 18.18
C LEU E 8 3.92 -20.08 17.28
N CYS E 9 5.08 -20.27 16.70
CA CYS E 9 5.29 -21.37 15.75
C CYS E 9 5.02 -22.73 16.41
N ALA E 10 5.43 -22.82 17.67
CA ALA E 10 5.25 -24.06 18.41
C ALA E 10 3.82 -24.41 18.74
N GLU E 11 2.85 -23.51 18.57
CA GLU E 11 1.43 -23.79 18.79
C GLU E 11 0.77 -24.55 17.62
N TYR E 12 1.52 -24.96 16.61
CA TYR E 12 0.97 -25.61 15.44
C TYR E 12 1.67 -26.93 15.15
N HIS E 13 0.90 -27.88 14.61
CA HIS E 13 1.53 -29.12 14.17
CA HIS E 13 1.45 -29.15 14.12
C HIS E 13 2.24 -28.90 12.83
N ASN E 14 3.25 -29.71 12.58
CA ASN E 14 4.05 -29.68 11.35
CA ASN E 14 3.95 -29.69 11.30
C ASN E 14 4.66 -28.35 10.98
N THR E 15 5.18 -27.66 11.99
CA THR E 15 5.92 -26.47 11.78
C THR E 15 7.31 -26.55 12.33
N GLN E 16 8.19 -25.71 11.83
CA GLN E 16 9.52 -25.54 12.39
C GLN E 16 10.04 -24.14 12.07
N ILE E 17 10.95 -23.68 12.90
CA ILE E 17 11.62 -22.42 12.74
C ILE E 17 12.85 -22.58 11.89
N TYR E 18 13.00 -21.74 10.84
CA TYR E 18 14.22 -21.55 10.09
C TYR E 18 14.78 -20.23 10.53
N THR E 19 16.04 -20.17 10.94
CA THR E 19 16.76 -18.94 11.27
C THR E 19 17.60 -18.53 10.08
N LEU E 20 17.27 -17.37 9.49
CA LEU E 20 17.98 -16.93 8.29
C LEU E 20 19.02 -15.86 8.61
N ASN E 21 18.58 -14.82 9.36
CA ASN E 21 19.39 -13.64 9.59
C ASN E 21 20.07 -13.15 8.35
N ASP E 22 19.25 -12.95 7.32
CA ASP E 22 19.73 -12.54 6.00
C ASP E 22 18.56 -11.86 5.28
N LYS E 23 18.92 -11.03 4.32
CA LYS E 23 17.94 -10.47 3.41
C LYS E 23 17.48 -11.54 2.43
N ILE E 24 16.34 -11.28 1.80
CA ILE E 24 15.77 -12.15 0.77
C ILE E 24 16.60 -12.03 -0.50
N PHE E 25 16.97 -13.16 -1.11
CA PHE E 25 17.78 -13.16 -2.31
C PHE E 25 16.90 -12.94 -3.56
N SER E 26 15.75 -13.58 -3.61
CA SER E 26 14.81 -13.38 -4.75
C SER E 26 13.40 -13.47 -4.27
N TYR E 27 12.52 -12.74 -5.00
CA TYR E 27 11.11 -12.68 -4.75
C TYR E 27 10.45 -12.96 -6.11
N THR E 28 9.53 -13.93 -6.07
CA THR E 28 8.72 -14.34 -7.21
C THR E 28 7.27 -14.29 -6.85
N GLU E 29 6.43 -13.72 -7.74
N GLU E 29 6.47 -13.83 -7.83
CA GLU E 29 4.98 -13.86 -7.52
CA GLU E 29 5.05 -13.60 -7.67
C GLU E 29 4.30 -14.16 -8.86
C GLU E 29 4.27 -14.08 -8.91
N SER E 30 3.21 -14.84 -8.70
CA SER E 30 2.42 -15.32 -9.84
C SER E 30 0.95 -14.94 -9.65
N LEU E 31 0.33 -14.58 -10.79
CA LEU E 31 -1.12 -14.42 -10.89
C LEU E 31 -1.83 -15.49 -11.70
N ALA E 32 -1.04 -16.52 -12.09
CA ALA E 32 -1.59 -17.59 -12.89
C ALA E 32 -2.63 -18.40 -12.11
N GLY E 33 -3.73 -18.79 -12.75
CA GLY E 33 -4.86 -19.38 -12.03
C GLY E 33 -4.43 -20.74 -11.43
N LYS E 34 -4.78 -20.88 -10.14
CA LYS E 34 -4.38 -22.03 -9.29
C LYS E 34 -2.93 -21.93 -8.80
N ARG E 35 -2.15 -20.91 -9.19
CA ARG E 35 -0.80 -20.65 -8.68
C ARG E 35 -0.69 -19.18 -8.26
N GLU E 36 -1.71 -18.70 -7.59
CA GLU E 36 -1.72 -17.26 -7.09
C GLU E 36 -0.91 -17.32 -5.75
N MET E 37 0.40 -17.19 -5.89
N MET E 37 0.38 -17.11 -5.87
CA MET E 37 1.36 -17.50 -4.82
CA MET E 37 1.32 -17.46 -4.79
C MET E 37 2.57 -16.58 -4.89
C MET E 37 2.57 -16.60 -4.91
N ALA E 38 3.41 -16.65 -3.84
CA ALA E 38 4.71 -16.01 -3.88
C ALA E 38 5.73 -17.06 -3.42
N ILE E 39 6.94 -16.88 -3.92
CA ILE E 39 8.09 -17.78 -3.56
C ILE E 39 9.25 -16.89 -3.27
N ILE E 40 9.92 -17.10 -2.13
CA ILE E 40 11.14 -16.37 -1.80
C ILE E 40 12.28 -17.32 -1.61
N THR E 41 13.47 -16.85 -1.96
CA THR E 41 14.69 -17.63 -1.74
C THR E 41 15.69 -16.84 -0.98
N PHE E 42 16.65 -17.55 -0.40
CA PHE E 42 17.80 -16.94 0.29
C PHE E 42 19.08 -17.44 -0.39
N LYS E 43 20.17 -16.71 -0.19
CA LYS E 43 21.39 -17.05 -0.91
C LYS E 43 21.98 -18.40 -0.49
N ASN E 44 21.63 -18.89 0.69
CA ASN E 44 21.96 -20.25 1.08
C ASN E 44 21.14 -21.33 0.38
N GLY E 45 20.26 -20.99 -0.54
CA GLY E 45 19.54 -21.98 -1.39
C GLY E 45 18.18 -22.33 -0.82
N ALA E 46 17.83 -21.79 0.36
CA ALA E 46 16.54 -22.10 0.96
C ALA E 46 15.42 -21.42 0.11
N ILE E 47 14.31 -22.11 0.01
CA ILE E 47 13.15 -21.71 -0.81
C ILE E 47 11.91 -21.89 0.03
N PHE E 48 11.05 -20.86 0.07
CA PHE E 48 9.79 -20.91 0.79
C PHE E 48 8.66 -20.32 -0.05
N GLN E 49 7.46 -20.76 0.22
CA GLN E 49 6.25 -20.22 -0.45
C GLN E 49 5.31 -19.55 0.52
N VAL E 50 4.49 -18.63 -0.02
CA VAL E 50 3.22 -18.31 0.58
C VAL E 50 2.20 -19.10 -0.22
N GLU E 51 1.46 -20.00 0.42
CA GLU E 51 0.56 -20.94 -0.31
C GLU E 51 -0.55 -20.20 -1.01
N VAL E 52 -1.00 -20.83 -2.09
CA VAL E 52 -2.23 -20.45 -2.74
C VAL E 52 -3.33 -20.58 -1.68
N PRO E 53 -4.23 -19.58 -1.55
CA PRO E 53 -5.33 -19.77 -0.63
C PRO E 53 -6.17 -21.01 -0.92
N GLY E 54 -6.55 -21.79 0.09
CA GLY E 54 -7.21 -23.10 -0.10
C GLY E 54 -8.13 -23.39 1.09
N SER E 55 -8.81 -24.51 1.02
CA SER E 55 -9.79 -24.86 2.05
C SER E 55 -9.12 -25.24 3.38
N GLN E 56 -7.81 -25.46 3.38
CA GLN E 56 -7.03 -25.59 4.61
C GLN E 56 -7.14 -24.33 5.44
N HIS E 57 -7.30 -23.18 4.77
CA HIS E 57 -7.18 -21.89 5.43
C HIS E 57 -8.53 -21.54 5.95
N ILE E 58 -8.59 -21.04 7.18
CA ILE E 58 -9.86 -20.51 7.73
C ILE E 58 -10.08 -19.07 7.29
N ASP E 59 -11.29 -18.58 7.43
CA ASP E 59 -11.65 -17.26 6.86
C ASP E 59 -10.71 -16.14 7.29
N SER E 60 -10.39 -16.09 8.59
CA SER E 60 -9.49 -15.08 9.13
C SER E 60 -8.08 -15.06 8.57
N GLN E 61 -7.63 -16.14 8.00
CA GLN E 61 -6.31 -16.15 7.38
C GLN E 61 -6.22 -15.43 6.05
N LYS E 62 -7.36 -15.26 5.38
CA LYS E 62 -7.32 -14.78 3.96
C LYS E 62 -6.69 -13.39 3.86
N LYS E 63 -7.10 -12.45 4.73
CA LYS E 63 -6.47 -11.15 4.75
C LYS E 63 -4.98 -11.23 5.13
N ALA E 64 -4.64 -12.14 6.07
CA ALA E 64 -3.25 -12.23 6.55
C ALA E 64 -2.28 -12.82 5.51
N ILE E 65 -2.81 -13.72 4.66
CA ILE E 65 -2.09 -14.25 3.53
C ILE E 65 -1.71 -13.12 2.57
N GLU E 66 -2.68 -12.27 2.26
CA GLU E 66 -2.40 -11.15 1.35
C GLU E 66 -1.42 -10.17 2.01
N ARG E 67 -1.56 -9.90 3.32
CA ARG E 67 -0.59 -9.06 4.02
CA ARG E 67 -0.58 -9.05 4.04
C ARG E 67 0.84 -9.66 3.96
N MET E 68 0.95 -10.98 4.13
CA MET E 68 2.24 -11.62 4.14
C MET E 68 2.97 -11.40 2.81
N LYS E 69 2.24 -11.52 1.68
CA LYS E 69 2.91 -11.27 0.40
C LYS E 69 3.32 -9.83 0.27
N ASP E 70 2.51 -8.91 0.78
CA ASP E 70 2.88 -7.49 0.82
C ASP E 70 4.19 -7.30 1.62
N THR E 71 4.26 -7.99 2.78
CA THR E 71 5.42 -7.88 3.66
C THR E 71 6.67 -8.42 3.01
N LEU E 72 6.52 -9.56 2.33
CA LEU E 72 7.70 -10.13 1.70
C LEU E 72 8.24 -9.30 0.52
N ARG E 73 7.31 -8.72 -0.24
CA ARG E 73 7.72 -7.89 -1.35
C ARG E 73 8.49 -6.68 -0.87
N ILE E 74 7.95 -5.97 0.16
CA ILE E 74 8.64 -4.78 0.65
C ILE E 74 9.90 -5.08 1.45
N ALA E 75 9.90 -6.22 2.12
CA ALA E 75 11.11 -6.69 2.76
C ALA E 75 12.22 -6.90 1.71
N TYR E 76 11.85 -7.59 0.62
CA TYR E 76 12.77 -7.81 -0.43
C TYR E 76 13.36 -6.51 -1.00
N LEU E 77 12.46 -5.59 -1.32
CA LEU E 77 12.86 -4.34 -1.97
C LEU E 77 13.62 -3.41 -1.07
N THR E 78 13.43 -3.52 0.25
CA THR E 78 14.21 -2.72 1.21
C THR E 78 15.46 -3.44 1.74
N GLU E 79 15.68 -4.66 1.28
CA GLU E 79 16.82 -5.46 1.74
C GLU E 79 16.77 -5.65 3.25
N ALA E 80 15.58 -5.79 3.80
CA ALA E 80 15.38 -6.03 5.23
C ALA E 80 15.88 -7.43 5.63
N LYS E 81 16.65 -7.47 6.67
CA LYS E 81 17.09 -8.75 7.25
CA LYS E 81 17.09 -8.77 7.24
C LYS E 81 15.89 -9.53 7.79
N VAL E 82 15.71 -10.77 7.34
CA VAL E 82 14.75 -11.67 7.89
C VAL E 82 15.45 -12.44 8.99
N GLU E 83 14.88 -12.36 10.21
CA GLU E 83 15.46 -13.11 11.35
C GLU E 83 15.03 -14.56 11.20
N LYS E 84 13.78 -14.86 11.39
CA LYS E 84 13.24 -16.22 11.38
C LYS E 84 12.00 -16.34 10.54
N LEU E 85 11.78 -17.50 9.96
CA LEU E 85 10.54 -17.89 9.44
C LEU E 85 9.99 -19.09 10.17
N CYS E 86 8.72 -19.07 10.54
CA CYS E 86 7.99 -20.21 10.93
C CYS E 86 7.34 -20.81 9.70
N VAL E 87 7.57 -22.08 9.39
CA VAL E 87 7.00 -22.69 8.21
C VAL E 87 6.34 -23.99 8.51
N TRP E 88 5.38 -24.36 7.69
CA TRP E 88 4.85 -25.71 7.67
C TRP E 88 5.75 -26.57 6.82
N ASN E 89 6.19 -27.69 7.39
CA ASN E 89 7.13 -28.60 6.69
C ASN E 89 6.44 -29.74 5.96
N ASN E 90 5.10 -29.78 5.96
CA ASN E 90 4.29 -30.79 5.25
C ASN E 90 3.84 -30.25 3.84
N LYS E 91 4.54 -29.23 3.34
CA LYS E 91 4.34 -28.67 1.99
C LYS E 91 5.68 -28.45 1.36
N THR E 92 5.71 -28.51 0.04
CA THR E 92 6.94 -28.26 -0.69
C THR E 92 6.67 -27.22 -1.79
N PRO E 93 7.41 -26.11 -1.88
CA PRO E 93 8.30 -25.57 -0.84
C PRO E 93 7.61 -25.45 0.54
N HIS E 94 8.41 -25.43 1.61
CA HIS E 94 7.80 -25.22 2.92
C HIS E 94 7.05 -23.89 2.93
N ALA E 95 5.94 -23.88 3.64
CA ALA E 95 4.94 -22.81 3.49
C ALA E 95 5.06 -21.82 4.69
N ILE E 96 5.13 -20.54 4.41
CA ILE E 96 5.33 -19.55 5.52
C ILE E 96 4.06 -19.38 6.31
N ALA E 97 4.28 -19.48 7.64
CA ALA E 97 3.26 -19.20 8.67
C ALA E 97 3.48 -17.83 9.33
N ALA E 98 4.73 -17.45 9.48
CA ALA E 98 5.08 -16.20 10.21
C ALA E 98 6.46 -15.81 9.84
N ILE E 99 6.77 -14.52 9.98
CA ILE E 99 8.07 -13.94 9.74
C ILE E 99 8.44 -13.04 10.89
N SER E 100 9.73 -13.01 11.19
CA SER E 100 10.29 -11.95 12.05
C SER E 100 11.44 -11.29 11.35
N MET E 101 11.53 -9.96 11.52
CA MET E 101 12.55 -9.12 10.99
C MET E 101 13.21 -8.39 12.09
N ALA E 102 14.53 -8.43 12.10
CA ALA E 102 15.36 -7.80 13.11
C ALA E 102 16.76 -7.73 12.45
N ASN E 103 17.60 -6.83 12.93
CA ASN E 103 19.03 -6.90 12.57
C ASN E 103 19.86 -7.85 13.40
C4 7BN F . -8.77 -4.55 24.13
C5 7BN F . -9.88 -3.58 23.60
C6 7BN F . -9.80 -3.54 22.07
C3 7BN F . -8.97 -4.68 25.67
O2 7BN F . -10.47 -4.94 27.48
C2 7BN F . -10.38 -5.01 25.98
O3 7BN F . -8.02 -5.67 26.19
O4 7BN F . -8.91 -5.81 23.50
O6 7BN F . -10.67 -2.50 21.64
O5 7BN F . -11.17 -4.01 23.96
C1 7BN F . -11.33 -3.93 25.40
CBQ 7BN F . -12.78 -4.26 25.57
CBE 7BN F . -13.52 -2.91 25.54
NAA 7BN F . -14.96 -3.09 25.70
CAB 7BN F . -15.55 -3.28 26.91
OAD 7BN F . -14.88 -3.51 27.93
CAC 7BN F . -17.07 -3.28 26.94
CAE 7BN F . -17.65 -2.46 28.13
CAF 7BN F . -16.94 -1.12 28.32
CAH 7BN F . -16.41 -0.37 27.35
NAG 7BN F . -16.80 -0.47 29.47
NAJ 7BN F . -16.13 0.63 29.26
NAI 7BN F . -15.91 0.72 27.92
CAR 7BN F . -15.17 1.83 27.39
CBA 7BN F . -13.68 1.39 27.56
OBC 7BN F . -12.96 1.96 28.42
OBB 7BN F . -13.25 0.58 26.70
OAS 7BN F . -15.58 1.87 26.01
CAQ 7BN F . -15.53 3.13 28.08
CAP 7BN F . -14.86 4.28 27.27
OBD 7BN F . -15.37 5.51 27.81
CAO 7BN F . -15.22 4.22 25.76
NAN 7BN F . -14.44 5.26 25.11
CAL 7BN F . -14.91 5.90 23.99
OAM 7BN F . -15.93 5.57 23.42
CAK 7BN F . -14.01 6.98 23.47
CAT 7BN F . -14.84 2.85 25.26
CAU 7BN F . -15.21 2.56 23.79
OAZ 7BN F . -16.57 2.95 23.51
CAV 7BN F . -15.04 1.05 23.49
OAY 7BN F . -13.73 0.65 23.92
CAW 7BN F . -15.06 0.86 22.00
OAX 7BN F . -15.37 -0.52 21.72
C TRS G . 15.71 -1.94 7.29
C1 TRS G . 16.03 -0.45 7.35
C2 TRS G . 14.93 -2.26 6.02
C3 TRS G . 14.93 -2.41 8.52
N TRS G . 17.03 -2.64 7.26
O1 TRS G . 16.89 -0.21 8.47
O2 TRS G . 15.82 -2.62 4.96
O3 TRS G . 15.14 -1.56 9.64
N1 IMD H . -14.17 6.01 30.46
C2 IMD H . -12.91 5.59 30.22
N3 IMD H . -12.06 6.35 30.96
C4 IMD H . -12.81 7.24 31.67
C5 IMD H . -14.13 7.03 31.35
C4 7BN I . -17.63 17.63 8.57
C5 7BN I . -18.22 17.27 7.17
C6 7BN I . -17.51 16.00 6.68
C3 7BN I . -18.37 18.88 9.09
O2 7BN I . -20.49 19.90 9.46
C2 7BN I . -19.84 18.66 9.02
O3 7BN I . -17.88 19.07 10.46
O4 7BN I . -17.77 16.52 9.52
O6 7BN I . -17.94 15.78 5.30
O5 7BN I . -19.61 17.06 7.19
C1 7BN I . -20.28 18.35 7.57
CBQ 7BN I . -21.74 18.12 7.45
CBE 7BN I . -22.02 18.38 5.94
NAA 7BN I . -23.43 18.13 5.66
CAB 7BN I . -24.39 19.02 6.02
OAD 7BN I . -24.10 20.04 6.64
CAC 7BN I . -25.84 18.72 5.54
CAE 7BN I . -26.57 19.95 4.94
CAF 7BN I . -25.64 20.81 4.03
CAH 7BN I . -24.66 20.39 3.23
NAG 7BN I . -25.71 22.14 3.94
NAJ 7BN I . -24.76 22.59 3.11
NAI 7BN I . -24.11 21.47 2.67
CAR 7BN I . -22.97 21.63 1.76
CBA 7BN I . -21.74 21.94 2.65
OBC 7BN I . -21.17 20.97 3.25
OBB 7BN I . -21.35 23.12 2.76
OAS 7BN I . -22.84 20.35 1.13
CAQ 7BN I . -23.31 22.62 0.67
CAP 7BN I . -22.16 22.58 -0.35
OBD 7BN I . -22.53 23.42 -1.44
CAO 7BN I . -21.91 21.16 -0.91
NAN 7BN I . -20.71 21.18 -1.76
CAL 7BN I . -20.59 20.36 -2.85
OAM 7BN I . -21.43 19.52 -3.11
CAK 7BN I . -19.31 20.57 -3.63
CAT 7BN I . -21.69 20.24 0.30
CAU 7BN I . -21.61 18.74 -0.07
OAZ 7BN I . -22.66 18.36 -0.92
CAV 7BN I . -21.71 17.86 1.25
OAY 7BN I . -20.79 18.37 2.20
CAW 7BN I . -21.33 16.40 0.92
OAX 7BN I . -21.83 15.57 2.00
C4 7BN J . -14.58 10.77 -18.90
C5 7BN J . -14.80 9.27 -19.21
C6 7BN J . -14.39 8.43 -18.01
C3 7BN J . -15.11 11.58 -20.14
O2 7BN J . -16.90 11.88 -21.66
C2 7BN J . -16.47 11.14 -20.47
O3 7BN J . -15.03 13.00 -19.78
O4 7BN J . -15.31 11.14 -17.72
O6 7BN J . -14.37 7.03 -18.42
O5 7BN J . -16.07 8.96 -19.57
C1 7BN J . -16.49 9.63 -20.81
CBQ 7BN J . -17.84 9.07 -21.15
CBE 7BN J . -17.58 7.71 -21.79
NAA 7BN J . -18.85 7.17 -22.32
CAB 7BN J . -19.44 7.66 -23.42
OAD 7BN J . -18.93 8.56 -24.11
CAC 7BN J . -20.71 6.87 -23.82
CAE 7BN J . -20.87 6.65 -25.33
CAF 7BN J . -19.56 6.25 -26.01
CAH 7BN J . -18.51 5.58 -25.49
NAG 7BN J . -19.30 6.53 -27.26
NAJ 7BN J . -18.11 6.06 -27.57
NAI 7BN J . -17.60 5.48 -26.47
CAR 7BN J . -16.29 4.94 -26.48
CBA 7BN J . -15.42 6.14 -26.06
OBC 7BN J . -15.39 6.42 -24.81
OBB 7BN J . -14.77 6.77 -26.90
OAS 7BN J . -16.35 3.95 -25.47
CAQ 7BN J . -15.92 4.32 -27.80
CAP 7BN J . -14.55 3.63 -27.67
OBD 7BN J . -14.39 2.87 -28.90
CAO 7BN J . -14.54 2.66 -26.47
NAN 7BN J . -13.18 2.17 -26.29
CAL 7BN J . -12.90 0.93 -25.86
OAM 7BN J . -13.76 0.12 -25.52
CAK 7BN J . -11.42 0.62 -25.83
CAT 7BN J . -15.03 3.38 -25.22
CAU 7BN J . -15.22 2.51 -23.98
OAZ 7BN J . -15.96 1.36 -24.25
CAV 7BN J . -15.97 3.32 -22.86
OAY 7BN J . -15.34 4.59 -22.66
CAW 7BN J . -15.98 2.51 -21.55
OAX 7BN J . -16.90 3.10 -20.61
C1 PEG K . -13.15 4.74 -31.50
O1 PEG K . -14.57 4.75 -31.69
C2 PEG K . -12.72 6.03 -30.81
O2 PEG K . -12.20 6.92 -31.78
C3 PEG K . -11.50 8.04 -31.23
C4 PEG K . -11.03 8.91 -32.38
O4 PEG K . -12.14 9.48 -33.07
C4 7BN L . -4.24 -15.66 -20.42
C5 7BN L . -4.65 -16.57 -19.26
C6 7BN L . -4.86 -15.75 -17.97
C3 7BN L . -4.14 -16.51 -21.70
O2 7BN L . -5.19 -18.16 -23.07
C2 7BN L . -5.36 -17.29 -21.89
O3 7BN L . -3.85 -15.57 -22.80
O4 7BN L . -5.22 -14.62 -20.61
O6 7BN L . -5.15 -16.67 -16.88
O5 7BN L . -5.81 -17.25 -19.54
C1 7BN L . -5.61 -18.20 -20.65
CBQ 7BN L . -6.87 -19.02 -20.74
CBE 7BN L . -6.66 -20.21 -19.77
NAA 7BN L . -7.83 -21.08 -19.84
CAB 7BN L . -7.94 -21.98 -20.82
OAD 7BN L . -7.08 -22.08 -21.68
CAC 7BN L . -9.13 -22.93 -20.71
CAE 7BN L . -8.76 -24.39 -21.08
CAF 7BN L . -7.40 -24.87 -20.51
CAH 7BN L . -6.82 -24.46 -19.38
NAG 7BN L . -6.61 -25.74 -21.11
NAJ 7BN L . -5.51 -25.93 -20.36
NAI 7BN L . -5.66 -25.11 -19.30
CAR 7BN L . -4.58 -25.05 -18.30
CBA 7BN L . -3.63 -24.01 -18.95
OBC 7BN L . -3.94 -22.77 -18.75
OBB 7BN L . -2.61 -24.36 -19.61
OAS 7BN L . -5.21 -24.59 -17.11
CAQ 7BN L . -3.98 -26.43 -18.06
CAP 7BN L . -2.92 -26.28 -16.92
OBD 7BN L . -2.45 -27.61 -16.61
CAO 7BN L . -3.52 -25.63 -15.69
NAN 7BN L . -2.42 -25.33 -14.74
CAL 7BN L . -2.65 -25.40 -13.42
OAM 7BN L . -3.73 -25.67 -12.93
CAK 7BN L . -1.45 -25.16 -12.48
CAT 7BN L . -4.20 -24.29 -16.07
CAU 7BN L . -4.97 -23.58 -14.97
OAZ 7BN L . -5.84 -24.45 -14.32
CAV 7BN L . -5.87 -22.43 -15.56
OAY 7BN L . -5.08 -21.63 -16.43
CAW 7BN L . -6.43 -21.56 -14.44
OAX 7BN L . -7.54 -20.80 -14.99
N1 IMD M . 0.23 -28.62 -19.36
C2 IMD M . 0.86 -27.45 -19.52
N3 IMD M . 2.06 -27.67 -20.12
C4 IMD M . 2.18 -28.99 -20.34
C5 IMD M . 1.03 -29.60 -19.86
C4 7BN N . -0.89 -25.28 6.15
C5 7BN N . -1.85 -24.70 7.19
C6 7BN N . -2.31 -23.31 6.77
C3 7BN N . -0.52 -26.74 6.56
O2 7BN N . -1.38 -28.87 7.32
C2 7BN N . -1.78 -27.55 6.86
O3 7BN N . 0.26 -27.31 5.54
O4 7BN N . -1.49 -25.27 4.83
O6 7BN N . -3.09 -22.77 7.86
O5 7BN N . -3.00 -25.51 7.40
C1 7BN N . -2.62 -26.83 7.93
CBQ 7BN N . -3.90 -27.53 8.27
CBE 7BN N . -4.25 -27.01 9.67
NAA 7BN N . -5.58 -27.53 10.08
CAB 7BN N . -5.78 -28.79 10.46
OAD 7BN N . -4.88 -29.63 10.43
CAC 7BN N . -7.20 -29.16 10.96
CAE 7BN N . -7.16 -30.08 12.21
CAF 7BN N . -6.19 -29.52 13.25
CAH 7BN N . -5.85 -28.25 13.48
NAG 7BN N . -5.52 -30.32 14.07
NAJ 7BN N . -4.74 -29.54 14.84
NAI 7BN N . -4.96 -28.24 14.47
CAR 7BN N . -4.23 -27.12 15.10
CBA 7BN N . -2.89 -27.07 14.34
OBC 7BN N . -1.89 -27.55 14.91
OBB 7BN N . -2.93 -26.58 13.20
OAS 7BN N . -5.01 -25.99 14.84
CAQ 7BN N . -4.07 -27.32 16.62
CAP 7BN N . -3.46 -26.06 17.21
OBD 7BN N . -3.57 -26.14 18.65
CAO 7BN N . -4.18 -24.77 16.76
NAN 7BN N . -3.39 -23.62 17.21
CAL 7BN N . -4.02 -22.48 17.58
OAM 7BN N . -5.24 -22.32 17.54
CAK 7BN N . -3.12 -21.33 18.01
CAT 7BN N . -4.36 -24.75 15.24
CAU 7BN N . -5.24 -23.64 14.66
OAZ 7BN N . -6.47 -23.55 15.39
CAV 7BN N . -5.54 -23.95 13.15
OAY 7BN N . -4.30 -24.22 12.47
CAW 7BN N . -6.14 -22.73 12.48
OAX 7BN N . -6.71 -23.17 11.23
C1 MRD O . 16.52 -4.91 -4.07
C2 MRD O . 16.67 -3.48 -4.59
O2 MRD O . 17.59 -3.50 -5.69
CM MRD O . 15.35 -2.94 -5.12
C3 MRD O . 17.27 -2.61 -3.48
C4 MRD O . 17.33 -1.11 -3.79
O4 MRD O . 18.18 -0.83 -4.91
C5 MRD O . 17.82 -0.33 -2.57
#